data_4IAP
#
_entry.id   4IAP
#
_cell.length_a   98.033
_cell.length_b   91.307
_cell.length_c   84.130
_cell.angle_alpha   90.00
_cell.angle_beta   81.42
_cell.angle_gamma   90.00
#
_symmetry.space_group_name_H-M   'C 1 2 1'
#
loop_
_entity.id
_entity.type
_entity.pdbx_description
1 polymer 'Oxysterol-binding protein homolog 3,Endolysin,Oxysterol-binding protein homolog 3'
2 non-polymer 'SULFATE ION'
3 water water
#
_entity_poly.entity_id   1
_entity_poly.type   'polypeptide(L)'
_entity_poly.pdbx_seq_one_letter_code
;GSAMGRYLQGYLLKKRRVDNIFEMLRIDEGLRLKIYKNTEGYYTIGIGHLLTKSPSLNAAKSELDKAIGRNTNGVITKDE
AEKLFNQDVDAAVRGILRNAKLKPVYDSLDAVRRAALINMVFQMGETGVAGFTNSLRMLQQKRWDEAAVNLAKSRWYNQT
PNRAKRVITTFRTGTWDAYVDQGFKKRFFTLDFRYGTLSYYLNDHNQTCRGEIVISLSSVSANKKDKIIIIDSGMEVWVL
KATTKENWQSWVDALQTCFD
;
_entity_poly.pdbx_strand_id   A,B
#
# COMPACT_ATOMS: atom_id res chain seq x y z
N GLY A 5 15.77 -14.86 -27.56
CA GLY A 5 15.67 -13.59 -26.77
C GLY A 5 14.44 -13.61 -25.90
N ARG A 6 14.58 -14.14 -24.69
CA ARG A 6 13.46 -14.24 -23.77
C ARG A 6 13.29 -13.02 -22.85
N TYR A 7 14.39 -12.37 -22.53
CA TYR A 7 14.37 -11.23 -21.62
C TYR A 7 14.79 -9.89 -22.19
N LEU A 8 14.01 -8.85 -21.89
CA LEU A 8 14.40 -7.49 -22.28
C LEU A 8 15.01 -7.05 -20.97
N GLN A 9 16.24 -6.55 -20.99
CA GLN A 9 16.86 -6.13 -19.75
C GLN A 9 17.66 -4.85 -19.90
N GLY A 10 17.86 -4.17 -18.78
CA GLY A 10 18.61 -2.93 -18.80
C GLY A 10 18.33 -2.10 -17.57
N TYR A 11 19.11 -1.03 -17.41
CA TYR A 11 18.98 -0.10 -16.30
C TYR A 11 17.87 0.93 -16.52
N LEU A 12 17.23 1.30 -15.42
CA LEU A 12 16.16 2.32 -15.41
C LEU A 12 16.18 2.91 -14.00
N LEU A 13 15.69 4.15 -13.88
CA LEU A 13 15.62 4.82 -12.60
C LEU A 13 14.24 4.45 -12.02
N LYS A 14 14.19 4.22 -10.71
CA LYS A 14 12.95 3.83 -10.07
C LYS A 14 12.72 4.62 -8.79
N LYS A 15 11.46 4.89 -8.48
CA LYS A 15 11.14 5.65 -7.27
C LYS A 15 9.75 5.30 -6.84
N ARG A 16 9.40 5.68 -5.61
CA ARG A 16 8.04 5.48 -5.14
C ARG A 16 7.42 6.87 -5.18
N ARG A 17 6.17 6.94 -5.62
CA ARG A 17 5.46 8.20 -5.72
C ARG A 17 5.43 8.92 -4.37
N VAL A 18 5.82 10.18 -4.35
CA VAL A 18 5.83 10.95 -3.12
C VAL A 18 4.49 11.65 -2.91
N ASP A 19 3.60 10.99 -2.18
CA ASP A 19 2.26 11.54 -1.92
C ASP A 19 1.75 11.34 -0.50
N ASN A 20 2.66 11.29 0.47
CA ASN A 20 2.29 11.21 1.87
C ASN A 20 3.49 11.66 2.68
N ILE A 21 3.27 11.96 3.95
CA ILE A 21 4.34 12.47 4.79
C ILE A 21 5.55 11.55 4.97
N PHE A 22 5.35 10.23 4.91
CA PHE A 22 6.47 9.31 5.04
C PHE A 22 7.43 9.42 3.86
N GLU A 23 6.89 9.34 2.63
CA GLU A 23 7.75 9.45 1.43
C GLU A 23 8.41 10.83 1.38
N MET A 24 7.72 11.85 1.88
CA MET A 24 8.27 13.21 1.87
C MET A 24 9.50 13.32 2.76
N LEU A 25 9.36 12.93 4.03
CA LEU A 25 10.47 13.01 4.99
C LEU A 25 11.57 12.02 4.62
N ARG A 26 11.19 10.95 3.95
CA ARG A 26 12.16 9.95 3.51
C ARG A 26 13.05 10.65 2.49
N ILE A 27 12.45 11.50 1.66
CA ILE A 27 13.24 12.24 0.69
C ILE A 27 14.01 13.37 1.39
N ASP A 28 13.30 14.18 2.17
CA ASP A 28 13.92 15.31 2.85
C ASP A 28 14.88 15.08 4.04
N GLU A 29 14.50 14.20 4.95
CA GLU A 29 15.31 13.92 6.14
C GLU A 29 16.25 12.77 5.85
N GLY A 30 15.70 11.68 5.31
CA GLY A 30 16.52 10.53 5.01
C GLY A 30 16.11 9.38 5.90
N LEU A 31 16.28 8.17 5.41
CA LEU A 31 15.91 6.99 6.17
C LEU A 31 17.15 6.11 6.29
N ARG A 32 17.67 5.95 7.50
CA ARG A 32 18.86 5.12 7.72
C ARG A 32 18.49 3.85 8.48
N LEU A 33 19.04 2.72 8.03
CA LEU A 33 18.78 1.42 8.66
C LEU A 33 19.80 1.01 9.73
N LYS A 34 21.00 1.57 9.68
CA LYS A 34 22.03 1.26 10.65
C LYS A 34 22.12 2.40 11.63
N ILE A 35 22.29 2.08 12.92
CA ILE A 35 22.37 3.12 13.93
C ILE A 35 23.49 4.07 13.53
N TYR A 36 23.17 5.35 13.46
CA TYR A 36 24.14 6.35 13.09
C TYR A 36 24.12 7.48 14.10
N LYS A 37 25.30 8.01 14.41
CA LYS A 37 25.41 9.12 15.33
C LYS A 37 24.81 10.33 14.58
N ASN A 38 23.78 10.95 15.13
CA ASN A 38 23.20 12.13 14.48
C ASN A 38 24.16 13.30 14.58
N THR A 39 23.67 14.49 14.27
CA THR A 39 24.50 15.69 14.31
C THR A 39 25.08 16.00 15.70
N GLU A 40 24.33 15.67 16.75
CA GLU A 40 24.78 15.88 18.12
C GLU A 40 25.52 14.65 18.67
N GLY A 41 25.86 13.71 17.78
CA GLY A 41 26.58 12.51 18.20
C GLY A 41 25.81 11.51 19.04
N TYR A 42 24.49 11.60 19.03
CA TYR A 42 23.64 10.68 19.79
C TYR A 42 23.12 9.62 18.84
N TYR A 43 23.20 8.36 19.26
CA TYR A 43 22.71 7.26 18.42
C TYR A 43 21.29 7.55 17.94
N THR A 44 21.11 7.53 16.63
CA THR A 44 19.83 7.80 15.98
C THR A 44 19.60 6.73 14.90
N ILE A 45 18.38 6.65 14.38
CA ILE A 45 18.10 5.68 13.32
C ILE A 45 16.80 5.99 12.61
N GLY A 46 16.57 5.34 11.47
CA GLY A 46 15.36 5.58 10.70
C GLY A 46 15.36 7.02 10.20
N ILE A 47 14.24 7.70 10.40
CA ILE A 47 14.11 9.07 9.95
C ILE A 47 14.22 10.04 11.13
N GLY A 48 15.46 10.34 11.52
CA GLY A 48 15.69 11.23 12.64
C GLY A 48 15.14 10.71 13.97
N HIS A 49 15.16 9.40 14.17
CA HIS A 49 14.65 8.85 15.42
C HIS A 49 15.72 8.77 16.50
N LEU A 50 15.61 9.67 17.48
CA LEU A 50 16.57 9.73 18.58
C LEU A 50 16.44 8.53 19.50
N LEU A 51 17.54 7.77 19.64
CA LEU A 51 17.53 6.60 20.51
C LEU A 51 17.84 7.00 21.95
N THR A 52 18.91 7.78 22.12
CA THR A 52 19.32 8.23 23.44
C THR A 52 20.53 9.15 23.32
N LYS A 53 21.29 9.27 24.41
CA LYS A 53 22.47 10.13 24.42
C LYS A 53 23.70 9.44 25.00
N SER A 54 23.50 8.29 25.66
CA SER A 54 24.61 7.54 26.26
C SER A 54 25.57 7.01 25.18
N PRO A 55 26.88 7.24 25.36
CA PRO A 55 27.88 6.80 24.40
C PRO A 55 28.06 5.28 24.32
N SER A 56 27.06 4.54 24.81
CA SER A 56 27.12 3.09 24.78
C SER A 56 26.28 2.53 23.64
N LEU A 57 26.96 1.99 22.63
CA LEU A 57 26.32 1.41 21.46
C LEU A 57 25.36 0.31 21.90
N ASN A 58 25.71 -0.36 23.00
CA ASN A 58 24.91 -1.43 23.54
C ASN A 58 23.64 -0.87 24.17
N ALA A 59 23.75 0.33 24.73
CA ALA A 59 22.61 1.01 25.35
C ALA A 59 21.65 1.39 24.25
N ALA A 60 22.18 2.01 23.20
CA ALA A 60 21.40 2.42 22.06
C ALA A 60 20.75 1.20 21.41
N LYS A 61 21.53 0.13 21.27
CA LYS A 61 21.04 -1.11 20.67
C LYS A 61 19.92 -1.73 21.48
N SER A 62 19.96 -1.50 22.80
CA SER A 62 18.93 -2.02 23.69
C SER A 62 17.72 -1.09 23.69
N GLU A 63 17.96 0.21 23.72
CA GLU A 63 16.87 1.18 23.70
C GLU A 63 16.17 0.97 22.36
N LEU A 64 16.95 0.55 21.36
CA LEU A 64 16.43 0.27 20.03
C LEU A 64 15.77 -1.11 20.07
N ASP A 65 16.33 -1.99 20.89
CA ASP A 65 15.79 -3.34 21.06
C ASP A 65 14.50 -3.29 21.85
N LYS A 66 14.35 -2.29 22.69
CA LYS A 66 13.13 -2.14 23.48
C LYS A 66 12.12 -1.40 22.62
N ALA A 67 12.61 -0.66 21.64
CA ALA A 67 11.77 0.08 20.72
C ALA A 67 11.03 -0.93 19.84
N ILE A 68 11.79 -1.79 19.18
CA ILE A 68 11.20 -2.81 18.33
C ILE A 68 11.15 -4.11 19.14
N GLY A 69 10.13 -4.92 18.91
CA GLY A 69 10.00 -6.16 19.66
C GLY A 69 10.95 -7.26 19.23
N ARG A 70 12.25 -6.98 19.22
CA ARG A 70 13.25 -7.97 18.82
C ARG A 70 14.65 -7.45 19.09
N ASN A 71 15.65 -8.28 18.77
CA ASN A 71 17.04 -7.89 18.96
C ASN A 71 17.60 -7.45 17.61
N THR A 72 17.32 -6.19 17.28
CA THR A 72 17.74 -5.56 16.02
C THR A 72 19.24 -5.71 15.76
N ASN A 73 20.03 -5.48 16.81
CA ASN A 73 21.47 -5.56 16.71
C ASN A 73 22.02 -4.34 15.97
N GLY A 74 21.49 -3.17 16.32
CA GLY A 74 21.94 -1.93 15.70
C GLY A 74 21.50 -1.75 14.25
N VAL A 75 20.65 -2.65 13.76
CA VAL A 75 20.16 -2.57 12.39
C VAL A 75 18.66 -2.83 12.38
N ILE A 76 17.93 -2.11 11.54
CA ILE A 76 16.50 -2.29 11.45
C ILE A 76 16.00 -2.40 10.01
N THR A 77 14.71 -2.65 9.86
CA THR A 77 14.10 -2.79 8.55
C THR A 77 13.43 -1.45 8.18
N LYS A 78 13.10 -1.31 6.90
CA LYS A 78 12.44 -0.10 6.41
C LYS A 78 11.05 -0.04 7.01
N ASP A 79 10.39 -1.20 7.10
CA ASP A 79 9.05 -1.25 7.68
C ASP A 79 9.15 -0.87 9.15
N GLU A 80 10.30 -1.16 9.76
CA GLU A 80 10.52 -0.83 11.16
C GLU A 80 10.77 0.67 11.31
N ALA A 81 11.60 1.22 10.43
CA ALA A 81 11.89 2.65 10.46
C ALA A 81 10.57 3.44 10.36
N GLU A 82 9.69 2.97 9.49
CA GLU A 82 8.39 3.62 9.31
C GLU A 82 7.62 3.65 10.64
N LYS A 83 7.58 2.51 11.32
CA LYS A 83 6.88 2.41 12.61
C LYS A 83 7.42 3.45 13.58
N LEU A 84 8.73 3.66 13.58
CA LEU A 84 9.34 4.66 14.45
C LEU A 84 8.93 6.04 13.92
N PHE A 85 8.79 6.14 12.59
CA PHE A 85 8.40 7.39 11.97
C PHE A 85 6.99 7.74 12.43
N ASN A 86 6.04 6.81 12.30
CA ASN A 86 4.67 7.08 12.69
C ASN A 86 4.55 7.50 14.14
N GLN A 87 5.38 6.93 14.99
CA GLN A 87 5.35 7.31 16.39
C GLN A 87 5.87 8.75 16.50
N ASP A 88 6.96 9.06 15.81
CA ASP A 88 7.51 10.40 15.86
C ASP A 88 6.56 11.46 15.29
N VAL A 89 5.74 11.07 14.33
CA VAL A 89 4.78 12.00 13.73
C VAL A 89 3.70 12.33 14.74
N ASP A 90 3.21 11.32 15.44
CA ASP A 90 2.20 11.52 16.45
C ASP A 90 2.74 12.39 17.58
N ALA A 91 4.00 12.20 17.94
CA ALA A 91 4.60 13.02 18.99
C ALA A 91 4.72 14.46 18.47
N ALA A 92 5.09 14.59 17.19
CA ALA A 92 5.23 15.92 16.57
C ALA A 92 3.88 16.64 16.51
N VAL A 93 2.84 15.92 16.09
CA VAL A 93 1.50 16.50 15.99
C VAL A 93 1.00 16.95 17.36
N ARG A 94 1.15 16.10 18.37
CA ARG A 94 0.72 16.42 19.72
C ARG A 94 1.49 17.64 20.24
N GLY A 95 2.80 17.66 19.99
CA GLY A 95 3.61 18.78 20.44
C GLY A 95 3.07 20.06 19.83
N ILE A 96 2.78 20.00 18.53
CA ILE A 96 2.23 21.13 17.79
C ILE A 96 0.88 21.58 18.36
N LEU A 97 -0.01 20.64 18.64
CA LEU A 97 -1.32 20.99 19.17
C LEU A 97 -1.27 21.52 20.61
N ARG A 98 -0.15 21.31 21.29
CA ARG A 98 0.02 21.79 22.66
C ARG A 98 0.81 23.09 22.70
N ASN A 99 1.28 23.53 21.52
CA ASN A 99 2.05 24.77 21.40
C ASN A 99 1.10 25.86 20.94
N ALA A 100 0.89 26.85 21.82
CA ALA A 100 -0.04 27.95 21.53
C ALA A 100 0.26 28.70 20.25
N LYS A 101 1.51 28.65 19.79
CA LYS A 101 1.88 29.37 18.58
C LYS A 101 1.62 28.55 17.32
N LEU A 102 1.75 27.23 17.42
CA LEU A 102 1.56 26.39 16.25
C LEU A 102 0.17 25.83 16.06
N LYS A 103 -0.57 25.64 17.14
CA LYS A 103 -1.90 25.07 17.04
C LYS A 103 -2.81 25.80 16.07
N PRO A 104 -2.93 27.13 16.22
CA PRO A 104 -3.80 27.92 15.34
C PRO A 104 -3.52 27.64 13.86
N VAL A 105 -2.27 27.74 13.45
CA VAL A 105 -1.93 27.51 12.07
C VAL A 105 -2.19 26.08 11.63
N TYR A 106 -1.85 25.13 12.49
CA TYR A 106 -2.07 23.74 12.16
C TYR A 106 -3.56 23.43 12.00
N ASP A 107 -4.40 24.07 12.81
CA ASP A 107 -5.84 23.83 12.71
C ASP A 107 -6.41 24.38 11.40
N SER A 108 -5.79 25.44 10.88
CA SER A 108 -6.27 26.05 9.64
C SER A 108 -5.76 25.40 8.35
N LEU A 109 -4.62 24.73 8.42
CA LEU A 109 -4.03 24.10 7.23
C LEU A 109 -4.71 22.83 6.73
N ASP A 110 -4.45 22.50 5.47
CA ASP A 110 -4.98 21.29 4.85
C ASP A 110 -3.95 20.17 5.11
N ALA A 111 -4.34 18.92 4.87
CA ALA A 111 -3.47 17.76 5.09
C ALA A 111 -2.07 17.90 4.50
N VAL A 112 -1.99 18.29 3.24
CA VAL A 112 -0.69 18.43 2.57
C VAL A 112 0.20 19.52 3.16
N ARG A 113 -0.38 20.68 3.42
CA ARG A 113 0.41 21.75 3.99
C ARG A 113 0.77 21.40 5.43
N ARG A 114 -0.06 20.59 6.08
CA ARG A 114 0.22 20.16 7.47
C ARG A 114 1.48 19.29 7.50
N ALA A 115 1.66 18.48 6.46
CA ALA A 115 2.82 17.61 6.37
C ALA A 115 4.05 18.49 6.19
N ALA A 116 3.86 19.61 5.51
CA ALA A 116 4.97 20.53 5.28
C ALA A 116 5.41 21.14 6.60
N LEU A 117 4.45 21.43 7.48
CA LEU A 117 4.75 22.03 8.79
C LEU A 117 5.53 21.03 9.65
N ILE A 118 5.03 19.80 9.70
CA ILE A 118 5.66 18.71 10.45
C ILE A 118 7.08 18.51 9.93
N ASN A 119 7.22 18.57 8.60
CA ASN A 119 8.52 18.42 7.98
C ASN A 119 9.47 19.44 8.61
N MET A 120 9.01 20.69 8.71
CA MET A 120 9.82 21.74 9.31
C MET A 120 10.15 21.44 10.77
N VAL A 121 9.19 20.85 11.48
CA VAL A 121 9.40 20.52 12.89
C VAL A 121 10.53 19.49 13.02
N PHE A 122 10.44 18.42 12.22
CA PHE A 122 11.46 17.35 12.20
C PHE A 122 12.84 17.95 12.00
N GLN A 123 12.95 18.87 11.05
CA GLN A 123 14.25 19.46 10.76
C GLN A 123 14.81 20.47 11.75
N MET A 124 13.96 21.33 12.30
CA MET A 124 14.49 22.37 13.18
C MET A 124 13.89 22.42 14.58
N GLY A 125 13.01 21.48 14.90
CA GLY A 125 12.42 21.46 16.21
C GLY A 125 11.25 22.40 16.35
N GLU A 126 10.32 22.05 17.23
CA GLU A 126 9.12 22.85 17.45
C GLU A 126 9.37 24.33 17.75
N THR A 127 10.27 24.63 18.68
CA THR A 127 10.54 26.02 19.01
C THR A 127 11.15 26.76 17.81
N GLY A 128 11.91 26.05 17.00
CA GLY A 128 12.50 26.66 15.83
C GLY A 128 11.43 27.09 14.83
N VAL A 129 10.44 26.22 14.63
CA VAL A 129 9.36 26.52 13.71
C VAL A 129 8.50 27.68 14.23
N ALA A 130 8.38 27.78 15.55
CA ALA A 130 7.60 28.87 16.16
C ALA A 130 8.28 30.22 15.96
N GLY A 131 9.50 30.22 15.43
CA GLY A 131 10.20 31.47 15.20
C GLY A 131 9.82 32.13 13.89
N PHE A 132 9.07 31.43 13.05
CA PHE A 132 8.64 31.98 11.77
C PHE A 132 7.26 32.63 11.94
N THR A 133 7.06 33.31 13.07
CA THR A 133 5.77 33.93 13.38
C THR A 133 5.06 34.63 12.21
N ASN A 134 5.76 35.51 11.49
CA ASN A 134 5.14 36.20 10.37
C ASN A 134 4.70 35.25 9.25
N SER A 135 5.51 34.23 8.95
CA SER A 135 5.12 33.27 7.92
C SER A 135 3.92 32.46 8.41
N LEU A 136 3.96 32.05 9.67
CA LEU A 136 2.86 31.27 10.25
C LEU A 136 1.54 32.03 10.16
N ARG A 137 1.58 33.32 10.47
CA ARG A 137 0.37 34.13 10.41
C ARG A 137 -0.15 34.14 8.96
N MET A 138 0.76 34.32 8.02
CA MET A 138 0.35 34.32 6.62
C MET A 138 -0.26 33.00 6.18
N LEU A 139 0.31 31.87 6.61
CA LEU A 139 -0.23 30.57 6.25
C LEU A 139 -1.61 30.41 6.87
N GLN A 140 -1.77 30.90 8.10
CA GLN A 140 -3.05 30.80 8.76
C GLN A 140 -4.12 31.59 8.01
N GLN A 141 -3.70 32.71 7.42
CA GLN A 141 -4.61 33.57 6.67
C GLN A 141 -4.67 33.12 5.23
N LYS A 142 -4.05 31.99 4.94
CA LYS A 142 -4.05 31.43 3.60
C LYS A 142 -3.45 32.33 2.52
N ARG A 143 -2.47 33.14 2.89
CA ARG A 143 -1.80 33.98 1.92
C ARG A 143 -0.58 33.14 1.53
N TRP A 144 -0.83 32.17 0.66
CA TRP A 144 0.18 31.21 0.20
C TRP A 144 1.44 31.80 -0.42
N ASP A 145 1.27 32.68 -1.41
CA ASP A 145 2.39 33.30 -2.11
C ASP A 145 3.24 34.19 -1.21
N GLU A 146 2.58 34.90 -0.30
CA GLU A 146 3.28 35.80 0.59
C GLU A 146 4.00 35.02 1.69
N ALA A 147 3.37 33.95 2.17
CA ALA A 147 4.00 33.12 3.19
C ALA A 147 5.29 32.55 2.60
N ALA A 148 5.22 32.14 1.33
CA ALA A 148 6.38 31.58 0.67
C ALA A 148 7.55 32.56 0.58
N VAL A 149 7.32 33.83 0.24
CA VAL A 149 8.47 34.73 0.15
C VAL A 149 9.07 35.00 1.55
N ASN A 150 8.24 35.06 2.59
CA ASN A 150 8.74 35.29 3.93
C ASN A 150 9.51 34.08 4.48
N LEU A 151 8.96 32.88 4.29
CA LEU A 151 9.62 31.67 4.74
C LEU A 151 11.04 31.60 4.18
N ALA A 152 11.24 32.20 3.01
CA ALA A 152 12.55 32.21 2.36
C ALA A 152 13.53 33.21 2.97
N LYS A 153 13.03 34.13 3.81
CA LYS A 153 13.89 35.12 4.46
C LYS A 153 14.36 34.52 5.78
N SER A 154 15.29 33.58 5.70
CA SER A 154 15.76 32.89 6.88
C SER A 154 17.03 32.11 6.61
N ARG A 155 17.74 31.75 7.68
CA ARG A 155 18.97 30.98 7.58
C ARG A 155 18.64 29.64 6.90
N TRP A 156 17.59 28.98 7.41
CA TRP A 156 17.11 27.70 6.89
C TRP A 156 17.17 27.65 5.38
N TYR A 157 16.52 28.63 4.74
CA TYR A 157 16.46 28.72 3.29
C TYR A 157 17.85 28.84 2.66
N ASN A 158 18.79 29.47 3.36
CA ASN A 158 20.14 29.60 2.81
C ASN A 158 21.04 28.41 3.14
N GLN A 159 20.79 27.74 4.27
CA GLN A 159 21.61 26.60 4.69
C GLN A 159 21.21 25.27 4.03
N THR A 160 19.91 25.00 3.95
CA THR A 160 19.40 23.80 3.29
C THR A 160 18.42 24.31 2.22
N PRO A 161 18.96 24.89 1.13
CA PRO A 161 18.20 25.46 0.00
C PRO A 161 17.21 24.52 -0.66
N ASN A 162 17.71 23.38 -1.12
CA ASN A 162 16.86 22.42 -1.81
C ASN A 162 15.72 21.88 -0.99
N ARG A 163 15.98 21.53 0.27
CA ARG A 163 14.92 21.02 1.10
C ARG A 163 13.95 22.16 1.36
N ALA A 164 14.49 23.32 1.70
CA ALA A 164 13.66 24.49 1.96
C ALA A 164 12.74 24.84 0.79
N LYS A 165 13.28 24.83 -0.43
CA LYS A 165 12.46 25.16 -1.60
C LYS A 165 11.35 24.17 -1.82
N ARG A 166 11.60 22.89 -1.53
CA ARG A 166 10.57 21.87 -1.70
C ARG A 166 9.45 22.03 -0.66
N VAL A 167 9.80 22.36 0.59
CA VAL A 167 8.81 22.56 1.63
C VAL A 167 7.96 23.80 1.33
N ILE A 168 8.63 24.88 0.94
CA ILE A 168 7.99 26.13 0.61
C ILE A 168 7.05 25.96 -0.60
N THR A 169 7.48 25.22 -1.62
CA THR A 169 6.63 24.98 -2.78
C THR A 169 5.37 24.22 -2.36
N THR A 170 5.54 23.32 -1.39
CA THR A 170 4.45 22.53 -0.87
C THR A 170 3.46 23.46 -0.16
N PHE A 171 3.98 24.44 0.57
CA PHE A 171 3.14 25.42 1.27
C PHE A 171 2.41 26.32 0.25
N ARG A 172 3.11 26.70 -0.80
CA ARG A 172 2.52 27.59 -1.81
C ARG A 172 1.36 26.95 -2.57
N THR A 173 1.61 25.76 -3.13
CA THR A 173 0.63 25.06 -3.95
C THR A 173 -0.29 24.05 -3.26
N GLY A 174 0.11 23.52 -2.12
CA GLY A 174 -0.74 22.54 -1.47
C GLY A 174 -0.68 21.21 -2.20
N THR A 175 0.31 21.04 -3.08
CA THR A 175 0.49 19.78 -3.82
C THR A 175 1.83 19.16 -3.46
N TRP A 176 2.09 17.96 -3.99
CA TRP A 176 3.35 17.25 -3.74
C TRP A 176 4.25 17.39 -4.97
N ASP A 177 3.96 18.40 -5.79
CA ASP A 177 4.71 18.65 -7.01
C ASP A 177 6.20 18.87 -6.87
N ALA A 178 6.64 19.42 -5.75
CA ALA A 178 8.07 19.68 -5.57
C ALA A 178 8.87 18.38 -5.49
N TYR A 179 8.19 17.26 -5.27
CA TYR A 179 8.88 15.98 -5.14
C TYR A 179 8.77 15.05 -6.34
N VAL A 180 8.18 15.50 -7.45
CA VAL A 180 8.04 14.60 -8.60
C VAL A 180 9.37 14.09 -9.15
N ASP A 181 10.39 14.92 -9.14
CA ASP A 181 11.70 14.52 -9.63
C ASP A 181 12.61 13.94 -8.54
N GLN A 182 12.06 13.67 -7.37
CA GLN A 182 12.84 13.13 -6.25
C GLN A 182 12.68 11.64 -5.99
N GLY A 183 13.68 11.06 -5.33
CA GLY A 183 13.61 9.65 -4.96
C GLY A 183 14.00 8.62 -5.99
N PHE A 184 14.56 9.03 -7.12
CA PHE A 184 14.97 8.06 -8.15
C PHE A 184 16.28 7.36 -7.84
N LYS A 185 16.32 6.05 -8.05
CA LYS A 185 17.53 5.27 -7.85
C LYS A 185 17.73 4.34 -9.04
N LYS A 186 18.98 4.20 -9.47
CA LYS A 186 19.30 3.35 -10.61
C LYS A 186 19.19 1.88 -10.22
N ARG A 187 18.39 1.13 -10.97
CA ARG A 187 18.20 -0.28 -10.73
C ARG A 187 18.21 -1.03 -12.05
N PHE A 188 18.45 -2.33 -12.01
CA PHE A 188 18.51 -3.13 -13.24
C PHE A 188 17.24 -3.94 -13.41
N PHE A 189 16.58 -3.79 -14.56
CA PHE A 189 15.33 -4.50 -14.82
C PHE A 189 15.41 -5.63 -15.82
N THR A 190 14.53 -6.60 -15.62
CA THR A 190 14.43 -7.77 -16.46
C THR A 190 12.95 -8.06 -16.70
N LEU A 191 12.55 -8.05 -17.96
CA LEU A 191 11.16 -8.35 -18.31
C LEU A 191 11.16 -9.70 -18.99
N ASP A 192 10.41 -10.64 -18.45
CA ASP A 192 10.33 -11.97 -19.03
C ASP A 192 9.17 -12.03 -20.00
N PHE A 193 9.48 -12.03 -21.29
CA PHE A 193 8.46 -12.08 -22.33
C PHE A 193 7.61 -13.35 -22.27
N ARG A 194 8.19 -14.44 -21.79
CA ARG A 194 7.45 -15.69 -21.73
C ARG A 194 6.29 -15.67 -20.75
N TYR A 195 6.53 -15.20 -19.53
CA TYR A 195 5.46 -15.19 -18.54
C TYR A 195 4.99 -13.81 -18.11
N GLY A 196 5.63 -12.76 -18.64
CA GLY A 196 5.24 -11.39 -18.36
C GLY A 196 5.53 -10.81 -16.98
N THR A 197 6.56 -11.31 -16.32
CA THR A 197 6.89 -10.80 -15.00
C THR A 197 8.08 -9.87 -15.11
N LEU A 198 7.98 -8.71 -14.47
CA LEU A 198 9.05 -7.71 -14.47
C LEU A 198 9.76 -7.70 -13.12
N SER A 199 11.07 -7.94 -13.14
CA SER A 199 11.87 -7.97 -11.92
C SER A 199 12.99 -6.94 -11.98
N TYR A 200 13.47 -6.51 -10.83
CA TYR A 200 14.58 -5.57 -10.82
C TYR A 200 15.61 -6.00 -9.80
N TYR A 201 16.83 -5.54 -9.99
CA TYR A 201 17.95 -5.90 -9.14
C TYR A 201 18.75 -4.64 -8.84
N LEU A 202 19.57 -4.72 -7.81
CA LEU A 202 20.40 -3.59 -7.42
C LEU A 202 21.30 -3.16 -8.57
N ASN A 203 21.74 -4.11 -9.39
CA ASN A 203 22.59 -3.75 -10.51
C ASN A 203 22.74 -4.82 -11.58
N ASP A 204 23.70 -4.59 -12.45
CA ASP A 204 24.10 -5.46 -13.57
C ASP A 204 24.32 -6.91 -13.15
N HIS A 205 24.99 -7.05 -12.01
CA HIS A 205 25.44 -8.33 -11.49
C HIS A 205 24.67 -9.09 -10.41
N ASN A 206 24.45 -8.44 -9.27
CA ASN A 206 23.79 -9.04 -8.13
C ASN A 206 22.61 -9.95 -8.47
N GLN A 207 22.56 -11.08 -7.78
CA GLN A 207 21.54 -12.09 -8.00
C GLN A 207 20.22 -11.88 -7.27
N THR A 208 20.24 -11.14 -6.17
CA THR A 208 19.03 -10.97 -5.38
C THR A 208 17.93 -10.12 -5.99
N CYS A 209 16.78 -10.76 -6.28
CA CYS A 209 15.63 -10.09 -6.85
C CYS A 209 15.04 -9.14 -5.80
N ARG A 210 15.00 -7.85 -6.11
CA ARG A 210 14.49 -6.87 -5.16
C ARG A 210 13.02 -6.54 -5.28
N GLY A 211 12.39 -7.01 -6.34
CA GLY A 211 10.98 -6.72 -6.52
C GLY A 211 10.52 -7.36 -7.80
N GLU A 212 9.22 -7.47 -7.98
CA GLU A 212 8.70 -8.11 -9.17
C GLU A 212 7.20 -7.85 -9.34
N ILE A 213 6.79 -7.57 -10.57
CA ILE A 213 5.38 -7.31 -10.86
C ILE A 213 4.95 -8.14 -12.07
N VAL A 214 3.76 -8.72 -12.00
CA VAL A 214 3.23 -9.49 -13.12
C VAL A 214 2.57 -8.43 -14.02
N ILE A 215 3.21 -8.10 -15.13
CA ILE A 215 2.68 -7.07 -16.02
C ILE A 215 1.27 -7.30 -16.54
N SER A 216 0.94 -8.55 -16.86
CA SER A 216 -0.39 -8.87 -17.38
C SER A 216 -1.53 -8.55 -16.42
N LEU A 217 -1.20 -8.27 -15.16
CA LEU A 217 -2.24 -7.97 -14.17
C LEU A 217 -2.16 -6.53 -13.67
N SER A 218 -1.36 -5.72 -14.35
CA SER A 218 -1.19 -4.34 -13.95
C SER A 218 -1.68 -3.36 -14.99
N SER A 219 -1.51 -2.08 -14.68
CA SER A 219 -1.88 -0.99 -15.58
C SER A 219 -0.56 -0.31 -15.92
N VAL A 220 -0.31 -0.12 -17.21
CA VAL A 220 0.91 0.53 -17.63
C VAL A 220 0.58 1.86 -18.27
N SER A 221 1.12 2.92 -17.67
CA SER A 221 0.92 4.28 -18.13
C SER A 221 2.31 4.80 -18.49
N ALA A 222 2.41 5.60 -19.56
CA ALA A 222 3.70 6.12 -20.00
C ALA A 222 3.62 7.54 -20.53
N ASN A 223 4.70 8.31 -20.33
CA ASN A 223 4.79 9.69 -20.79
C ASN A 223 6.16 9.88 -21.47
N LYS A 224 6.16 10.03 -22.79
CA LYS A 224 7.40 10.17 -23.55
C LYS A 224 8.23 11.42 -23.24
N LYS A 225 7.55 12.54 -23.07
CA LYS A 225 8.21 13.80 -22.77
C LYS A 225 9.11 13.67 -21.52
N ASP A 226 8.56 13.13 -20.44
CA ASP A 226 9.30 12.94 -19.19
C ASP A 226 10.08 11.63 -19.16
N LYS A 227 9.89 10.80 -20.19
CA LYS A 227 10.55 9.50 -20.29
C LYS A 227 10.19 8.65 -19.07
N ILE A 228 8.94 8.80 -18.63
CA ILE A 228 8.39 8.10 -17.48
C ILE A 228 7.50 6.94 -17.91
N ILE A 229 7.47 5.89 -17.09
CA ILE A 229 6.64 4.73 -17.32
C ILE A 229 6.16 4.34 -15.93
N ILE A 230 4.85 4.31 -15.74
CA ILE A 230 4.28 3.96 -14.45
C ILE A 230 3.56 2.62 -14.53
N ILE A 231 3.94 1.70 -13.65
CA ILE A 231 3.36 0.37 -13.61
C ILE A 231 2.62 0.18 -12.30
N ASP A 232 1.31 -0.02 -12.40
CA ASP A 232 0.45 -0.18 -11.23
C ASP A 232 -0.10 -1.60 -11.16
N SER A 233 0.36 -2.35 -10.17
CA SER A 233 -0.09 -3.73 -9.99
C SER A 233 -1.33 -3.80 -9.10
N GLY A 234 -1.81 -2.65 -8.64
CA GLY A 234 -2.96 -2.65 -7.77
C GLY A 234 -2.43 -2.50 -6.37
N MET A 235 -1.58 -3.42 -5.93
CA MET A 235 -1.04 -3.33 -4.59
C MET A 235 0.39 -2.75 -4.54
N GLU A 236 0.82 -2.15 -5.65
CA GLU A 236 2.15 -1.57 -5.72
C GLU A 236 2.29 -0.73 -7.00
N VAL A 237 2.96 0.40 -6.91
CA VAL A 237 3.14 1.27 -8.06
C VAL A 237 4.61 1.63 -8.27
N TRP A 238 5.14 1.31 -9.44
CA TRP A 238 6.53 1.63 -9.76
C TRP A 238 6.55 2.76 -10.75
N VAL A 239 7.34 3.78 -10.46
CA VAL A 239 7.48 4.92 -11.34
C VAL A 239 8.90 4.77 -11.88
N LEU A 240 9.02 4.52 -13.18
CA LEU A 240 10.31 4.33 -13.83
C LEU A 240 10.65 5.44 -14.80
N LYS A 241 11.94 5.68 -14.98
CA LYS A 241 12.39 6.71 -15.91
C LYS A 241 13.56 6.21 -16.74
N ALA A 242 13.42 6.29 -18.07
CA ALA A 242 14.46 5.88 -19.00
C ALA A 242 15.47 7.01 -19.21
N THR A 243 16.65 6.67 -19.74
CA THR A 243 17.70 7.66 -19.96
C THR A 243 17.64 8.31 -21.33
N THR A 244 16.87 7.72 -22.24
CA THR A 244 16.74 8.25 -23.60
C THR A 244 15.38 7.89 -24.20
N LYS A 245 15.05 8.50 -25.34
CA LYS A 245 13.78 8.21 -26.00
C LYS A 245 13.80 6.82 -26.63
N GLU A 246 14.95 6.36 -27.08
CA GLU A 246 15.07 5.03 -27.68
C GLU A 246 14.85 3.97 -26.62
N ASN A 247 15.54 4.16 -25.50
CA ASN A 247 15.45 3.25 -24.37
C ASN A 247 14.00 3.22 -23.87
N TRP A 248 13.41 4.40 -23.70
CA TRP A 248 12.03 4.52 -23.26
C TRP A 248 11.05 3.78 -24.17
N GLN A 249 11.21 3.97 -25.48
CA GLN A 249 10.32 3.32 -26.46
C GLN A 249 10.45 1.81 -26.42
N SER A 250 11.67 1.32 -26.25
CA SER A 250 11.90 -0.11 -26.19
C SER A 250 11.11 -0.77 -25.04
N TRP A 251 11.14 -0.16 -23.86
CA TRP A 251 10.40 -0.73 -22.74
C TRP A 251 8.90 -0.59 -22.88
N VAL A 252 8.42 0.55 -23.37
CA VAL A 252 6.99 0.74 -23.54
C VAL A 252 6.42 -0.26 -24.54
N ASP A 253 7.12 -0.49 -25.64
CA ASP A 253 6.65 -1.46 -26.64
C ASP A 253 6.67 -2.88 -26.05
N ALA A 254 7.71 -3.21 -25.28
CA ALA A 254 7.80 -4.53 -24.67
C ALA A 254 6.70 -4.76 -23.63
N LEU A 255 6.41 -3.75 -22.81
CA LEU A 255 5.37 -3.91 -21.81
C LEU A 255 4.00 -3.93 -22.49
N GLN A 256 3.90 -3.25 -23.62
CA GLN A 256 2.64 -3.19 -24.35
C GLN A 256 2.26 -4.53 -24.96
N THR A 257 3.24 -5.40 -25.14
CA THR A 257 2.97 -6.72 -25.69
C THR A 257 2.06 -7.53 -24.77
N CYS A 258 2.11 -7.26 -23.46
CA CYS A 258 1.28 -7.97 -22.50
C CYS A 258 -0.21 -7.68 -22.69
N PHE A 259 -0.55 -6.84 -23.66
CA PHE A 259 -1.95 -6.51 -23.94
C PHE A 259 -2.17 -6.46 -25.45
N ASP A 260 -1.12 -6.83 -26.18
CA ASP A 260 -1.08 -6.84 -27.67
C ASP A 260 -0.39 -5.60 -28.20
N GLY B 5 -16.14 17.13 25.80
CA GLY B 5 -16.20 15.72 25.31
C GLY B 5 -14.99 15.41 24.43
N ARG B 6 -13.98 14.78 25.02
CA ARG B 6 -12.77 14.44 24.30
C ARG B 6 -12.93 13.31 23.28
N TYR B 7 -13.91 12.45 23.49
CA TYR B 7 -14.13 11.33 22.59
C TYR B 7 -15.49 11.20 21.94
N LEU B 8 -15.50 10.50 20.81
CA LEU B 8 -16.69 10.17 20.05
C LEU B 8 -16.38 8.74 19.66
N GLN B 9 -17.21 7.81 20.12
CA GLN B 9 -17.01 6.41 19.83
C GLN B 9 -18.31 5.71 19.45
N GLY B 10 -18.18 4.54 18.82
CA GLY B 10 -19.33 3.79 18.40
C GLY B 10 -18.90 2.75 17.38
N TYR B 11 -19.79 1.79 17.12
CA TYR B 11 -19.49 0.74 16.17
C TYR B 11 -19.72 1.20 14.74
N LEU B 12 -18.93 0.63 13.82
CA LEU B 12 -19.02 0.92 12.39
C LEU B 12 -18.46 -0.29 11.67
N LEU B 13 -18.82 -0.44 10.41
CA LEU B 13 -18.32 -1.56 9.59
C LEU B 13 -17.04 -1.10 8.90
N LYS B 14 -15.99 -1.89 9.00
CA LYS B 14 -14.71 -1.56 8.36
C LYS B 14 -14.29 -2.64 7.38
N LYS B 15 -13.78 -2.22 6.22
CA LYS B 15 -13.33 -3.15 5.19
C LYS B 15 -12.14 -2.57 4.43
N ARG B 16 -11.36 -3.46 3.83
CA ARG B 16 -10.21 -3.07 3.01
C ARG B 16 -10.72 -3.06 1.57
N ARG B 17 -10.59 -1.93 0.88
CA ARG B 17 -11.07 -1.79 -0.50
C ARG B 17 -10.60 -2.90 -1.43
N VAL B 18 -11.52 -3.43 -2.24
CA VAL B 18 -11.22 -4.52 -3.17
C VAL B 18 -11.05 -4.06 -4.61
N ASP B 19 -9.80 -3.84 -5.01
CA ASP B 19 -9.51 -3.40 -6.37
C ASP B 19 -8.23 -4.04 -6.95
N ASN B 20 -7.92 -5.25 -6.50
CA ASN B 20 -6.79 -5.99 -7.02
C ASN B 20 -6.97 -7.47 -6.66
N ILE B 21 -6.32 -8.33 -7.42
CA ILE B 21 -6.44 -9.77 -7.26
C ILE B 21 -6.19 -10.33 -5.85
N PHE B 22 -5.29 -9.70 -5.10
CA PHE B 22 -5.02 -10.17 -3.73
C PHE B 22 -6.26 -9.96 -2.84
N GLU B 23 -6.82 -8.76 -2.87
CA GLU B 23 -8.00 -8.46 -2.06
C GLU B 23 -9.19 -9.30 -2.51
N MET B 24 -9.23 -9.59 -3.81
CA MET B 24 -10.31 -10.38 -4.38
C MET B 24 -10.28 -11.81 -3.83
N LEU B 25 -9.17 -12.50 -4.00
CA LEU B 25 -9.03 -13.87 -3.52
C LEU B 25 -9.06 -13.96 -2.01
N ARG B 26 -8.76 -12.87 -1.32
CA ARG B 26 -8.79 -12.88 0.13
C ARG B 26 -10.26 -13.05 0.53
N ILE B 27 -11.14 -12.47 -0.27
CA ILE B 27 -12.58 -12.55 -0.03
C ILE B 27 -13.20 -13.86 -0.51
N ASP B 28 -12.93 -14.26 -1.74
CA ASP B 28 -13.50 -15.49 -2.28
C ASP B 28 -12.89 -16.79 -1.77
N GLU B 29 -11.57 -16.88 -1.75
CA GLU B 29 -10.89 -18.08 -1.26
C GLU B 29 -10.62 -18.00 0.23
N GLY B 30 -10.75 -16.81 0.80
CA GLY B 30 -10.53 -16.63 2.22
C GLY B 30 -9.06 -16.74 2.60
N LEU B 31 -8.67 -16.01 3.65
CA LEU B 31 -7.29 -16.03 4.11
C LEU B 31 -7.17 -16.71 5.48
N ARG B 32 -6.61 -17.93 5.48
CA ARG B 32 -6.43 -18.71 6.70
C ARG B 32 -4.96 -18.72 7.14
N LEU B 33 -4.73 -18.63 8.45
CA LEU B 33 -3.37 -18.64 8.99
C LEU B 33 -2.95 -20.01 9.52
N LYS B 34 -3.93 -20.85 9.85
CA LYS B 34 -3.65 -22.21 10.35
C LYS B 34 -3.93 -23.24 9.26
N ILE B 35 -3.12 -24.30 9.23
CA ILE B 35 -3.29 -25.37 8.25
C ILE B 35 -4.75 -25.85 8.23
N TYR B 36 -5.19 -26.32 7.06
CA TYR B 36 -6.56 -26.84 6.91
C TYR B 36 -6.65 -27.68 5.65
N LYS B 37 -7.76 -28.38 5.46
CA LYS B 37 -7.94 -29.22 4.29
C LYS B 37 -8.81 -28.56 3.24
N ASN B 38 -8.34 -28.54 1.99
CA ASN B 38 -9.14 -27.93 0.93
C ASN B 38 -10.24 -28.87 0.47
N THR B 39 -10.99 -28.42 -0.54
CA THR B 39 -12.09 -29.16 -1.10
C THR B 39 -11.71 -30.54 -1.62
N GLU B 40 -10.42 -30.80 -1.82
CA GLU B 40 -9.96 -32.11 -2.28
C GLU B 40 -9.34 -32.91 -1.12
N GLY B 41 -9.48 -32.40 0.10
CA GLY B 41 -8.96 -33.09 1.27
C GLY B 41 -7.46 -32.96 1.56
N TYR B 42 -6.74 -32.17 0.77
CA TYR B 42 -5.29 -32.00 0.97
C TYR B 42 -5.00 -30.81 1.88
N TYR B 43 -3.94 -30.91 2.68
CA TYR B 43 -3.57 -29.81 3.59
C TYR B 43 -3.22 -28.53 2.84
N THR B 44 -3.81 -27.43 3.27
CA THR B 44 -3.62 -26.13 2.64
C THR B 44 -3.50 -25.01 3.67
N ILE B 45 -2.97 -23.86 3.27
CA ILE B 45 -2.84 -22.73 4.19
C ILE B 45 -2.93 -21.40 3.45
N GLY B 46 -3.03 -20.31 4.21
CA GLY B 46 -3.12 -18.99 3.60
C GLY B 46 -4.31 -18.89 2.66
N ILE B 47 -4.07 -18.31 1.48
CA ILE B 47 -5.12 -18.15 0.48
C ILE B 47 -5.10 -19.33 -0.49
N GLY B 48 -5.60 -20.46 0.00
CA GLY B 48 -5.65 -21.65 -0.83
C GLY B 48 -4.29 -22.17 -1.27
N HIS B 49 -3.26 -21.92 -0.47
CA HIS B 49 -1.94 -22.40 -0.81
C HIS B 49 -1.76 -23.88 -0.48
N LEU B 50 -1.67 -24.70 -1.52
CA LEU B 50 -1.49 -26.13 -1.39
C LEU B 50 -0.10 -26.44 -0.84
N LEU B 51 -0.06 -27.18 0.27
CA LEU B 51 1.22 -27.54 0.90
C LEU B 51 1.74 -28.89 0.41
N THR B 52 0.84 -29.85 0.30
CA THR B 52 1.20 -31.19 -0.17
C THR B 52 -0.01 -32.09 -0.29
N LYS B 53 -0.08 -32.87 -1.36
CA LYS B 53 -1.20 -33.77 -1.54
C LYS B 53 -0.80 -35.13 -0.96
N SER B 54 -0.54 -35.12 0.34
CA SER B 54 -0.15 -36.31 1.09
C SER B 54 -0.90 -36.34 2.42
N PRO B 55 -1.35 -37.54 2.85
CA PRO B 55 -2.09 -37.69 4.11
C PRO B 55 -1.30 -37.17 5.32
N SER B 56 0.01 -37.38 5.29
CA SER B 56 0.90 -36.96 6.37
C SER B 56 0.75 -35.49 6.73
N LEU B 57 0.40 -35.24 7.99
CA LEU B 57 0.25 -33.87 8.49
C LEU B 57 1.63 -33.31 8.85
N ASN B 58 2.59 -34.21 9.06
CA ASN B 58 3.95 -33.80 9.39
C ASN B 58 4.60 -33.30 8.11
N ALA B 59 4.25 -33.96 7.00
CA ALA B 59 4.77 -33.61 5.69
C ALA B 59 4.27 -32.23 5.27
N ALA B 60 3.04 -31.91 5.66
CA ALA B 60 2.45 -30.62 5.33
C ALA B 60 3.27 -29.54 6.00
N LYS B 61 3.57 -29.74 7.28
CA LYS B 61 4.35 -28.80 8.06
C LYS B 61 5.76 -28.60 7.52
N SER B 62 6.39 -29.68 7.05
CA SER B 62 7.74 -29.60 6.50
C SER B 62 7.78 -28.66 5.31
N GLU B 63 6.99 -28.98 4.28
CA GLU B 63 6.93 -28.17 3.08
C GLU B 63 6.66 -26.73 3.46
N LEU B 64 5.87 -26.55 4.51
CA LEU B 64 5.53 -25.21 4.99
C LEU B 64 6.74 -24.43 5.48
N ASP B 65 7.40 -24.96 6.50
CA ASP B 65 8.58 -24.32 7.07
C ASP B 65 9.68 -24.19 6.02
N LYS B 66 9.76 -25.18 5.14
CA LYS B 66 10.75 -25.20 4.07
C LYS B 66 10.49 -23.99 3.15
N ALA B 67 9.30 -23.41 3.27
CA ALA B 67 8.92 -22.28 2.44
C ALA B 67 8.94 -20.93 3.17
N ILE B 68 8.53 -20.91 4.43
CA ILE B 68 8.50 -19.67 5.20
C ILE B 68 9.80 -19.34 5.94
N GLY B 69 10.45 -20.37 6.48
CA GLY B 69 11.69 -20.15 7.21
C GLY B 69 11.85 -21.09 8.39
N ARG B 70 11.34 -20.70 9.55
CA ARG B 70 11.45 -21.55 10.73
C ARG B 70 10.27 -21.35 11.69
N ASN B 71 9.36 -20.44 11.34
CA ASN B 71 8.19 -20.17 12.17
C ASN B 71 7.64 -21.48 12.68
N THR B 72 7.52 -22.45 11.77
CA THR B 72 7.02 -23.78 12.10
C THR B 72 5.71 -23.72 12.88
N ASN B 73 5.44 -24.76 13.65
CA ASN B 73 4.24 -24.85 14.48
C ASN B 73 2.99 -24.97 13.61
N GLY B 74 3.15 -24.72 12.32
CA GLY B 74 2.02 -24.79 11.41
C GLY B 74 1.22 -23.49 11.39
N VAL B 75 1.87 -22.40 11.77
CA VAL B 75 1.22 -21.09 11.80
C VAL B 75 2.05 -20.07 11.04
N ILE B 76 1.38 -19.18 10.30
CA ILE B 76 2.06 -18.15 9.53
C ILE B 76 1.41 -16.78 9.72
N THR B 77 2.10 -15.74 9.26
CA THR B 77 1.61 -14.35 9.37
C THR B 77 0.87 -13.95 8.10
N LYS B 78 0.04 -12.91 8.20
CA LYS B 78 -0.70 -12.44 7.04
C LYS B 78 0.26 -12.09 5.90
N ASP B 79 1.32 -11.37 6.23
CA ASP B 79 2.31 -10.98 5.23
C ASP B 79 2.94 -12.24 4.63
N GLU B 80 3.06 -13.28 5.44
CA GLU B 80 3.62 -14.52 4.97
C GLU B 80 2.62 -15.20 4.03
N ALA B 81 1.34 -14.95 4.26
CA ALA B 81 0.28 -15.52 3.43
C ALA B 81 0.30 -14.84 2.06
N GLU B 82 0.52 -13.53 2.05
CA GLU B 82 0.57 -12.76 0.81
C GLU B 82 1.76 -13.23 -0.01
N LYS B 83 2.87 -13.49 0.66
CA LYS B 83 4.08 -13.97 0.00
C LYS B 83 3.76 -15.27 -0.74
N LEU B 84 3.12 -16.20 -0.04
CA LEU B 84 2.74 -17.48 -0.64
C LEU B 84 1.75 -17.24 -1.77
N PHE B 85 0.89 -16.25 -1.59
CA PHE B 85 -0.11 -15.91 -2.59
C PHE B 85 0.53 -15.42 -3.90
N ASN B 86 1.52 -14.53 -3.82
CA ASN B 86 2.15 -14.04 -5.04
C ASN B 86 2.88 -15.16 -5.76
N GLN B 87 3.31 -16.17 -5.02
CA GLN B 87 3.99 -17.32 -5.61
C GLN B 87 2.95 -18.10 -6.39
N ASP B 88 1.79 -18.28 -5.76
CA ASP B 88 0.70 -19.02 -6.37
C ASP B 88 0.12 -18.27 -7.56
N VAL B 89 0.19 -16.93 -7.52
CA VAL B 89 -0.32 -16.14 -8.64
C VAL B 89 0.64 -16.33 -9.81
N ASP B 90 1.93 -16.30 -9.52
CA ASP B 90 2.94 -16.49 -10.55
C ASP B 90 2.83 -17.91 -11.07
N ALA B 91 2.42 -18.83 -10.20
CA ALA B 91 2.28 -20.23 -10.59
C ALA B 91 1.06 -20.43 -11.48
N ALA B 92 -0.05 -19.78 -11.13
CA ALA B 92 -1.28 -19.89 -11.91
C ALA B 92 -1.08 -19.32 -13.30
N VAL B 93 -0.35 -18.21 -13.37
CA VAL B 93 -0.07 -17.56 -14.64
C VAL B 93 0.80 -18.44 -15.53
N ARG B 94 1.86 -19.01 -14.97
CA ARG B 94 2.71 -19.89 -15.77
C ARG B 94 1.83 -21.01 -16.31
N GLY B 95 1.00 -21.58 -15.44
CA GLY B 95 0.11 -22.66 -15.83
C GLY B 95 -0.86 -22.24 -16.91
N ILE B 96 -1.56 -21.14 -16.69
CA ILE B 96 -2.54 -20.65 -17.65
C ILE B 96 -1.90 -20.50 -19.03
N LEU B 97 -0.69 -19.95 -19.05
CA LEU B 97 0.02 -19.71 -20.31
C LEU B 97 0.61 -20.98 -20.93
N ARG B 98 0.73 -22.03 -20.14
CA ARG B 98 1.29 -23.28 -20.65
C ARG B 98 0.16 -24.21 -21.07
N ASN B 99 -1.07 -23.70 -21.07
CA ASN B 99 -2.24 -24.50 -21.42
C ASN B 99 -2.97 -23.93 -22.63
N ALA B 100 -2.87 -24.63 -23.75
CA ALA B 100 -3.50 -24.19 -25.00
C ALA B 100 -4.99 -23.89 -24.86
N LYS B 101 -5.61 -24.45 -23.83
CA LYS B 101 -7.04 -24.24 -23.58
C LYS B 101 -7.31 -22.92 -22.86
N LEU B 102 -6.32 -22.46 -22.10
CA LEU B 102 -6.46 -21.23 -21.33
C LEU B 102 -5.68 -20.03 -21.88
N LYS B 103 -4.49 -20.29 -22.41
CA LYS B 103 -3.66 -19.21 -22.92
C LYS B 103 -4.36 -18.20 -23.82
N PRO B 104 -4.99 -18.66 -24.91
CA PRO B 104 -5.69 -17.72 -25.80
C PRO B 104 -6.64 -16.76 -25.08
N VAL B 105 -7.56 -17.31 -24.29
CA VAL B 105 -8.52 -16.49 -23.57
C VAL B 105 -7.82 -15.46 -22.68
N TYR B 106 -6.81 -15.92 -21.95
CA TYR B 106 -6.04 -15.06 -21.06
C TYR B 106 -5.44 -13.87 -21.84
N ASP B 107 -4.68 -14.18 -22.89
CA ASP B 107 -4.04 -13.14 -23.70
C ASP B 107 -5.02 -12.10 -24.23
N SER B 108 -6.29 -12.46 -24.37
CA SER B 108 -7.28 -11.53 -24.89
C SER B 108 -8.01 -10.75 -23.83
N LEU B 109 -7.87 -11.16 -22.56
CA LEU B 109 -8.56 -10.47 -21.48
C LEU B 109 -7.81 -9.26 -20.94
N ASP B 110 -8.54 -8.36 -20.29
CA ASP B 110 -7.94 -7.18 -19.67
C ASP B 110 -7.45 -7.62 -18.30
N ALA B 111 -6.67 -6.78 -17.62
CA ALA B 111 -6.12 -7.14 -16.31
C ALA B 111 -7.16 -7.59 -15.28
N VAL B 112 -8.32 -6.95 -15.29
CA VAL B 112 -9.36 -7.29 -14.34
C VAL B 112 -10.03 -8.65 -14.60
N ARG B 113 -10.35 -8.94 -15.87
CA ARG B 113 -10.97 -10.22 -16.21
C ARG B 113 -9.93 -11.32 -16.08
N ARG B 114 -8.66 -10.98 -16.22
CA ARG B 114 -7.59 -11.97 -16.08
C ARG B 114 -7.58 -12.42 -14.62
N ALA B 115 -7.81 -11.47 -13.72
CA ALA B 115 -7.84 -11.80 -12.30
C ALA B 115 -9.02 -12.73 -12.05
N ALA B 116 -10.12 -12.51 -12.78
CA ALA B 116 -11.31 -13.35 -12.62
C ALA B 116 -11.02 -14.80 -13.02
N LEU B 117 -10.23 -14.98 -14.06
CA LEU B 117 -9.89 -16.32 -14.53
C LEU B 117 -8.93 -16.99 -13.58
N ILE B 118 -8.07 -16.21 -12.96
CA ILE B 118 -7.10 -16.75 -12.02
C ILE B 118 -7.87 -17.13 -10.75
N ASN B 119 -8.90 -16.35 -10.44
CA ASN B 119 -9.72 -16.63 -9.27
C ASN B 119 -10.29 -18.05 -9.43
N MET B 120 -10.79 -18.34 -10.63
CA MET B 120 -11.36 -19.66 -10.93
C MET B 120 -10.32 -20.77 -10.85
N VAL B 121 -9.13 -20.51 -11.35
CA VAL B 121 -8.07 -21.52 -11.31
C VAL B 121 -7.76 -21.88 -9.85
N PHE B 122 -7.72 -20.87 -8.99
CA PHE B 122 -7.44 -21.07 -7.56
C PHE B 122 -8.48 -22.00 -6.93
N GLN B 123 -9.74 -21.78 -7.28
CA GLN B 123 -10.84 -22.56 -6.74
C GLN B 123 -11.03 -23.96 -7.30
N MET B 124 -10.90 -24.11 -8.61
CA MET B 124 -11.14 -25.41 -9.24
C MET B 124 -10.01 -26.00 -10.07
N GLY B 125 -8.81 -25.43 -9.99
CA GLY B 125 -7.69 -25.95 -10.75
C GLY B 125 -7.77 -25.68 -12.25
N GLU B 126 -6.64 -25.79 -12.94
CA GLU B 126 -6.57 -25.57 -14.38
C GLU B 126 -7.57 -26.39 -15.17
N THR B 127 -7.45 -27.72 -15.06
CA THR B 127 -8.33 -28.61 -15.78
C THR B 127 -9.77 -28.25 -15.47
N GLY B 128 -9.98 -27.74 -14.26
CA GLY B 128 -11.32 -27.35 -13.87
C GLY B 128 -11.83 -26.22 -14.75
N VAL B 129 -11.02 -25.17 -14.90
CA VAL B 129 -11.41 -24.02 -15.71
C VAL B 129 -11.38 -24.35 -17.21
N ALA B 130 -10.48 -25.24 -17.61
CA ALA B 130 -10.37 -25.63 -19.01
C ALA B 130 -11.58 -26.47 -19.43
N GLY B 131 -12.48 -26.71 -18.49
CA GLY B 131 -13.68 -27.48 -18.78
C GLY B 131 -14.81 -26.56 -19.19
N PHE B 132 -14.63 -25.26 -19.02
CA PHE B 132 -15.64 -24.27 -19.40
C PHE B 132 -15.40 -23.77 -20.81
N THR B 133 -14.98 -24.68 -21.69
CA THR B 133 -14.68 -24.35 -23.07
C THR B 133 -15.67 -23.37 -23.74
N ASN B 134 -16.97 -23.63 -23.59
CA ASN B 134 -17.97 -22.75 -24.21
C ASN B 134 -17.97 -21.35 -23.61
N SER B 135 -17.71 -21.26 -22.31
CA SER B 135 -17.66 -19.97 -21.64
C SER B 135 -16.40 -19.19 -22.04
N LEU B 136 -15.29 -19.89 -22.13
CA LEU B 136 -14.01 -19.29 -22.50
C LEU B 136 -14.07 -18.72 -23.90
N ARG B 137 -14.74 -19.44 -24.81
CA ARG B 137 -14.85 -19.00 -26.19
C ARG B 137 -15.53 -17.64 -26.25
N MET B 138 -16.65 -17.52 -25.55
CA MET B 138 -17.41 -16.29 -25.52
C MET B 138 -16.65 -15.13 -24.89
N LEU B 139 -15.84 -15.41 -23.87
CA LEU B 139 -15.06 -14.37 -23.21
C LEU B 139 -13.97 -13.88 -24.15
N GLN B 140 -13.31 -14.82 -24.83
CA GLN B 140 -12.26 -14.48 -25.76
C GLN B 140 -12.82 -13.62 -26.88
N GLN B 141 -14.04 -13.95 -27.33
CA GLN B 141 -14.70 -13.21 -28.39
C GLN B 141 -15.38 -11.99 -27.81
N LYS B 142 -15.15 -11.75 -26.53
CA LYS B 142 -15.70 -10.60 -25.82
C LYS B 142 -17.23 -10.53 -25.74
N ARG B 143 -17.90 -11.69 -25.78
CA ARG B 143 -19.35 -11.73 -25.69
C ARG B 143 -19.72 -11.78 -24.20
N TRP B 144 -19.39 -10.70 -23.50
CA TRP B 144 -19.63 -10.57 -22.07
C TRP B 144 -20.96 -11.16 -21.56
N ASP B 145 -22.08 -10.53 -21.93
CA ASP B 145 -23.40 -10.99 -21.48
C ASP B 145 -23.62 -12.49 -21.74
N GLU B 146 -23.23 -12.95 -22.91
CA GLU B 146 -23.40 -14.36 -23.22
C GLU B 146 -22.60 -15.22 -22.26
N ALA B 147 -21.29 -14.96 -22.20
CA ALA B 147 -20.41 -15.71 -21.32
C ALA B 147 -20.91 -15.68 -19.87
N ALA B 148 -21.47 -14.55 -19.45
CA ALA B 148 -21.99 -14.44 -18.08
C ALA B 148 -23.11 -15.46 -17.92
N VAL B 149 -23.98 -15.53 -18.92
CA VAL B 149 -25.10 -16.46 -18.92
C VAL B 149 -24.66 -17.92 -19.05
N ASN B 150 -23.59 -18.16 -19.79
CA ASN B 150 -23.09 -19.53 -19.99
C ASN B 150 -22.42 -20.08 -18.73
N LEU B 151 -21.55 -19.26 -18.15
CA LEU B 151 -20.81 -19.62 -16.94
C LEU B 151 -21.73 -20.05 -15.80
N ALA B 152 -22.92 -19.43 -15.73
CA ALA B 152 -23.89 -19.74 -14.70
C ALA B 152 -24.44 -21.17 -14.85
N LYS B 153 -24.37 -21.71 -16.07
CA LYS B 153 -24.84 -23.07 -16.34
C LYS B 153 -23.71 -24.05 -16.08
N SER B 154 -23.42 -24.25 -14.80
CA SER B 154 -22.37 -25.16 -14.35
C SER B 154 -22.67 -25.57 -12.91
N ARG B 155 -21.96 -26.58 -12.41
CA ARG B 155 -22.15 -27.04 -11.04
C ARG B 155 -21.59 -25.96 -10.12
N TRP B 156 -20.43 -25.43 -10.50
CA TRP B 156 -19.75 -24.38 -9.78
C TRP B 156 -20.73 -23.30 -9.31
N TYR B 157 -21.68 -22.94 -10.18
CA TYR B 157 -22.68 -21.92 -9.89
C TYR B 157 -23.66 -22.32 -8.80
N ASN B 158 -24.05 -23.59 -8.80
CA ASN B 158 -24.99 -24.09 -7.81
C ASN B 158 -24.33 -24.40 -6.46
N GLN B 159 -23.12 -24.93 -6.49
CA GLN B 159 -22.40 -25.26 -5.25
C GLN B 159 -21.94 -24.05 -4.46
N THR B 160 -21.31 -23.09 -5.14
CA THR B 160 -20.84 -21.86 -4.50
C THR B 160 -21.42 -20.67 -5.24
N PRO B 161 -22.73 -20.43 -5.09
CA PRO B 161 -23.50 -19.34 -5.72
C PRO B 161 -22.97 -17.93 -5.53
N ASN B 162 -22.57 -17.60 -4.30
CA ASN B 162 -22.07 -16.25 -4.01
C ASN B 162 -20.80 -15.93 -4.78
N ARG B 163 -19.78 -16.76 -4.58
CA ARG B 163 -18.50 -16.55 -5.24
C ARG B 163 -18.65 -16.55 -6.75
N ALA B 164 -19.34 -17.57 -7.26
CA ALA B 164 -19.56 -17.68 -8.70
C ALA B 164 -20.16 -16.40 -9.27
N LYS B 165 -21.18 -15.88 -8.60
CA LYS B 165 -21.84 -14.65 -9.04
C LYS B 165 -20.90 -13.45 -9.05
N ARG B 166 -20.02 -13.37 -8.05
CA ARG B 166 -19.08 -12.26 -7.99
C ARG B 166 -18.09 -12.34 -9.15
N VAL B 167 -17.60 -13.55 -9.42
CA VAL B 167 -16.67 -13.77 -10.52
C VAL B 167 -17.39 -13.51 -11.85
N ILE B 168 -18.62 -13.98 -11.96
CA ILE B 168 -19.44 -13.79 -13.17
C ILE B 168 -19.55 -12.29 -13.43
N THR B 169 -19.93 -11.56 -12.39
CA THR B 169 -20.07 -10.12 -12.47
C THR B 169 -18.75 -9.46 -12.88
N THR B 170 -17.63 -10.08 -12.54
CA THR B 170 -16.32 -9.54 -12.87
C THR B 170 -15.98 -9.78 -14.34
N PHE B 171 -16.37 -10.95 -14.85
CA PHE B 171 -16.13 -11.30 -16.23
C PHE B 171 -17.06 -10.51 -17.14
N ARG B 172 -18.26 -10.22 -16.64
CA ARG B 172 -19.28 -9.52 -17.41
C ARG B 172 -19.02 -8.02 -17.55
N THR B 173 -18.80 -7.36 -16.42
CA THR B 173 -18.58 -5.93 -16.41
C THR B 173 -17.12 -5.49 -16.53
N GLY B 174 -16.19 -6.30 -16.04
CA GLY B 174 -14.80 -5.92 -16.09
C GLY B 174 -14.46 -4.94 -14.96
N THR B 175 -15.34 -4.85 -13.97
CA THR B 175 -15.12 -3.95 -12.82
C THR B 175 -14.98 -4.80 -11.55
N TRP B 176 -14.75 -4.13 -10.43
CA TRP B 176 -14.62 -4.81 -9.14
C TRP B 176 -15.91 -4.62 -8.35
N ASP B 177 -16.92 -4.08 -9.03
CA ASP B 177 -18.23 -3.82 -8.42
C ASP B 177 -18.78 -4.95 -7.54
N ALA B 178 -18.77 -6.18 -8.06
CA ALA B 178 -19.27 -7.32 -7.31
C ALA B 178 -18.73 -7.40 -5.88
N TYR B 179 -17.62 -6.70 -5.60
CA TYR B 179 -16.99 -6.75 -4.28
C TYR B 179 -17.17 -5.50 -3.42
N VAL B 180 -17.94 -4.53 -3.90
CA VAL B 180 -18.16 -3.29 -3.16
C VAL B 180 -18.80 -3.50 -1.78
N ASP B 181 -19.60 -4.56 -1.64
CA ASP B 181 -20.28 -4.85 -0.37
C ASP B 181 -19.64 -5.99 0.42
N GLN B 182 -18.44 -6.42 0.01
CA GLN B 182 -17.74 -7.52 0.68
C GLN B 182 -16.61 -7.04 1.58
N GLY B 183 -16.17 -7.92 2.48
CA GLY B 183 -15.08 -7.59 3.37
C GLY B 183 -15.40 -6.78 4.62
N PHE B 184 -16.65 -6.34 4.75
CA PHE B 184 -17.03 -5.56 5.91
C PHE B 184 -16.98 -6.40 7.18
N LYS B 185 -16.71 -5.74 8.30
CA LYS B 185 -16.65 -6.39 9.61
C LYS B 185 -16.82 -5.34 10.69
N LYS B 186 -17.74 -5.60 11.62
CA LYS B 186 -18.03 -4.68 12.71
C LYS B 186 -16.84 -4.49 13.64
N ARG B 187 -16.50 -3.24 13.90
CA ARG B 187 -15.38 -2.89 14.78
C ARG B 187 -15.73 -1.67 15.64
N PHE B 188 -15.01 -1.48 16.74
CA PHE B 188 -15.28 -0.36 17.63
C PHE B 188 -14.27 0.78 17.44
N PHE B 189 -14.78 1.95 17.06
CA PHE B 189 -13.94 3.12 16.80
C PHE B 189 -13.94 4.18 17.88
N THR B 190 -12.80 4.85 18.02
CA THR B 190 -12.59 5.89 18.99
C THR B 190 -11.89 7.13 18.40
N LEU B 191 -12.63 8.20 18.19
CA LEU B 191 -12.06 9.43 17.65
C LEU B 191 -11.72 10.38 18.78
N ASP B 192 -10.44 10.66 18.94
CA ASP B 192 -9.95 11.56 19.98
C ASP B 192 -9.90 12.99 19.41
N PHE B 193 -10.89 13.80 19.76
CA PHE B 193 -11.00 15.18 19.28
C PHE B 193 -9.81 16.06 19.66
N ARG B 194 -9.07 15.68 20.69
CA ARG B 194 -7.93 16.47 21.11
C ARG B 194 -6.78 16.39 20.11
N TYR B 195 -6.29 15.19 19.82
CA TYR B 195 -5.17 15.03 18.90
C TYR B 195 -5.55 14.51 17.51
N GLY B 196 -6.85 14.51 17.24
CA GLY B 196 -7.36 14.09 15.94
C GLY B 196 -7.05 12.68 15.45
N THR B 197 -6.84 11.76 16.37
CA THR B 197 -6.54 10.39 16.00
C THR B 197 -7.75 9.46 16.05
N LEU B 198 -7.91 8.64 15.02
CA LEU B 198 -9.01 7.70 14.95
C LEU B 198 -8.46 6.28 15.13
N SER B 199 -8.87 5.64 16.22
CA SER B 199 -8.42 4.28 16.53
C SER B 199 -9.58 3.29 16.45
N TYR B 200 -9.27 1.99 16.40
CA TYR B 200 -10.32 0.97 16.35
C TYR B 200 -9.92 -0.29 17.08
N TYR B 201 -10.91 -0.99 17.63
CA TYR B 201 -10.68 -2.20 18.38
C TYR B 201 -11.61 -3.31 17.91
N LEU B 202 -11.28 -4.55 18.30
CA LEU B 202 -12.10 -5.69 17.93
C LEU B 202 -13.55 -5.43 18.31
N ASN B 203 -13.77 -4.86 19.49
CA ASN B 203 -15.11 -4.56 19.96
C ASN B 203 -15.17 -3.53 21.09
N ASP B 204 -16.32 -3.47 21.72
CA ASP B 204 -16.63 -2.55 22.83
C ASP B 204 -15.66 -2.65 24.01
N HIS B 205 -15.11 -3.84 24.24
CA HIS B 205 -14.25 -4.08 25.39
C HIS B 205 -12.76 -4.31 25.19
N ASN B 206 -12.38 -5.09 24.18
CA ASN B 206 -10.98 -5.41 23.92
C ASN B 206 -10.08 -4.18 24.00
N GLN B 207 -8.93 -4.34 24.66
CA GLN B 207 -7.98 -3.24 24.84
C GLN B 207 -6.92 -3.06 23.76
N THR B 208 -6.72 -4.06 22.91
CA THR B 208 -5.70 -3.99 21.88
C THR B 208 -6.02 -3.07 20.69
N CYS B 209 -5.33 -1.93 20.62
CA CYS B 209 -5.55 -1.02 19.50
C CYS B 209 -5.15 -1.80 18.27
N ARG B 210 -6.09 -1.96 17.35
CA ARG B 210 -5.88 -2.73 16.15
C ARG B 210 -5.37 -1.88 14.98
N GLY B 211 -5.44 -0.57 15.15
CA GLY B 211 -4.97 0.32 14.11
C GLY B 211 -5.47 1.73 14.36
N GLU B 212 -4.71 2.71 13.88
CA GLU B 212 -5.11 4.09 14.06
C GLU B 212 -4.61 4.95 12.89
N ILE B 213 -5.31 6.06 12.65
CA ILE B 213 -4.98 7.00 11.59
C ILE B 213 -5.07 8.44 12.09
N VAL B 214 -4.11 9.27 11.72
CA VAL B 214 -4.14 10.67 12.14
C VAL B 214 -4.98 11.37 11.08
N ILE B 215 -6.26 11.56 11.41
CA ILE B 215 -7.22 12.18 10.51
C ILE B 215 -6.76 13.50 9.88
N SER B 216 -6.17 14.37 10.69
CA SER B 216 -5.71 15.66 10.20
C SER B 216 -4.70 15.55 9.05
N LEU B 217 -4.03 14.41 8.94
CA LEU B 217 -3.05 14.19 7.87
C LEU B 217 -3.57 13.27 6.78
N SER B 218 -4.88 13.03 6.79
CA SER B 218 -5.47 12.15 5.80
C SER B 218 -6.52 12.86 4.98
N SER B 219 -7.01 12.16 3.96
CA SER B 219 -8.04 12.69 3.09
C SER B 219 -9.34 11.99 3.50
N VAL B 220 -10.43 12.75 3.61
CA VAL B 220 -11.70 12.16 3.99
C VAL B 220 -12.74 12.33 2.88
N SER B 221 -13.19 11.21 2.36
CA SER B 221 -14.19 11.17 1.30
C SER B 221 -15.48 10.58 1.87
N ALA B 222 -16.59 11.29 1.67
CA ALA B 222 -17.87 10.82 2.20
C ALA B 222 -18.88 10.46 1.12
N ASN B 223 -19.99 9.85 1.55
CA ASN B 223 -21.06 9.43 0.66
C ASN B 223 -22.26 8.98 1.53
N LYS B 224 -23.26 9.85 1.66
CA LYS B 224 -24.44 9.52 2.47
C LYS B 224 -25.36 8.57 1.74
N LYS B 225 -25.36 8.64 0.41
CA LYS B 225 -26.18 7.78 -0.41
C LYS B 225 -25.96 6.33 0.00
N ASP B 226 -24.70 5.94 0.19
CA ASP B 226 -24.36 4.57 0.60
C ASP B 226 -23.95 4.51 2.07
N LYS B 227 -23.96 5.67 2.73
CA LYS B 227 -23.58 5.75 4.14
C LYS B 227 -22.11 5.33 4.32
N ILE B 228 -21.30 5.60 3.29
CA ILE B 228 -19.87 5.25 3.30
C ILE B 228 -18.97 6.40 3.71
N ILE B 229 -17.86 6.07 4.37
CA ILE B 229 -16.88 7.04 4.81
C ILE B 229 -15.49 6.50 4.50
N ILE B 230 -14.80 7.15 3.55
CA ILE B 230 -13.48 6.71 3.12
C ILE B 230 -12.35 7.58 3.68
N ILE B 231 -11.49 6.94 4.48
CA ILE B 231 -10.36 7.65 5.06
C ILE B 231 -9.08 7.11 4.45
N ASP B 232 -8.29 8.01 3.89
CA ASP B 232 -7.03 7.66 3.25
C ASP B 232 -5.89 8.37 3.96
N SER B 233 -5.15 7.63 4.77
CA SER B 233 -4.02 8.20 5.51
C SER B 233 -2.83 8.38 4.56
N GLY B 234 -3.05 8.09 3.28
CA GLY B 234 -1.99 8.20 2.30
C GLY B 234 -1.29 6.86 2.16
N MET B 235 -0.99 6.24 3.29
CA MET B 235 -0.32 4.95 3.28
C MET B 235 -1.26 3.83 3.73
N GLU B 236 -2.54 4.13 3.88
CA GLU B 236 -3.52 3.15 4.31
C GLU B 236 -4.94 3.69 4.04
N VAL B 237 -5.82 2.82 3.53
CA VAL B 237 -7.19 3.23 3.23
C VAL B 237 -8.22 2.44 4.01
N TRP B 238 -9.11 3.15 4.69
CA TRP B 238 -10.17 2.52 5.47
C TRP B 238 -11.51 2.83 4.84
N VAL B 239 -12.31 1.79 4.60
CA VAL B 239 -13.64 2.00 4.06
C VAL B 239 -14.57 1.68 5.21
N LEU B 240 -15.32 2.69 5.65
CA LEU B 240 -16.23 2.55 6.77
C LEU B 240 -17.69 2.76 6.39
N LYS B 241 -18.57 1.93 6.94
CA LYS B 241 -19.99 2.06 6.65
C LYS B 241 -20.79 2.19 7.95
N ALA B 242 -21.73 3.13 7.95
CA ALA B 242 -22.57 3.39 9.11
C ALA B 242 -23.96 2.76 8.92
N THR B 243 -24.64 2.54 10.04
CA THR B 243 -25.98 1.95 10.02
C THR B 243 -26.98 2.83 9.26
N THR B 244 -27.36 3.95 9.86
CA THR B 244 -28.31 4.86 9.23
C THR B 244 -27.69 6.15 8.74
N LYS B 245 -28.44 6.87 7.91
CA LYS B 245 -27.99 8.12 7.34
C LYS B 245 -27.66 9.18 8.39
N GLU B 246 -28.06 8.95 9.64
CA GLU B 246 -27.75 9.90 10.72
C GLU B 246 -26.41 9.54 11.35
N ASN B 247 -26.25 8.26 11.70
CA ASN B 247 -25.02 7.76 12.30
C ASN B 247 -23.88 8.15 11.36
N TRP B 248 -24.20 8.23 10.07
CA TRP B 248 -23.24 8.60 9.04
C TRP B 248 -22.90 10.07 9.21
N GLN B 249 -23.94 10.91 9.09
CA GLN B 249 -23.80 12.35 9.23
C GLN B 249 -23.06 12.72 10.51
N SER B 250 -23.29 11.95 11.57
CA SER B 250 -22.64 12.22 12.85
C SER B 250 -21.11 12.08 12.80
N TRP B 251 -20.64 10.94 12.30
CA TRP B 251 -19.21 10.70 12.20
C TRP B 251 -18.57 11.68 11.23
N VAL B 252 -19.21 11.85 10.08
CA VAL B 252 -18.72 12.76 9.06
C VAL B 252 -18.41 14.13 9.65
N ASP B 253 -19.36 14.68 10.41
CA ASP B 253 -19.18 15.99 11.02
C ASP B 253 -18.01 16.04 12.00
N ALA B 254 -17.82 14.96 12.75
CA ALA B 254 -16.73 14.90 13.71
C ALA B 254 -15.37 14.91 13.02
N LEU B 255 -15.23 14.10 11.97
CA LEU B 255 -13.98 14.04 11.23
C LEU B 255 -13.74 15.36 10.51
N GLN B 256 -14.82 16.03 10.15
CA GLN B 256 -14.77 17.32 9.47
C GLN B 256 -14.25 18.45 10.34
N THR B 257 -14.23 18.25 11.66
CA THR B 257 -13.72 19.29 12.56
C THR B 257 -12.22 19.44 12.36
N CYS B 258 -11.59 18.39 11.82
CA CYS B 258 -10.15 18.41 11.56
C CYS B 258 -9.85 19.17 10.27
N PHE B 259 -10.89 19.71 9.64
CA PHE B 259 -10.73 20.46 8.40
C PHE B 259 -11.62 21.69 8.33
N ASP B 260 -11.45 22.62 9.26
CA ASP B 260 -12.26 23.83 9.23
C ASP B 260 -11.67 24.84 8.26
#